data_2V5I
#
_entry.id   2V5I
#
_cell.length_a   100.433
_cell.length_b   100.433
_cell.length_c   330.042
_cell.angle_alpha   90.00
_cell.angle_beta   90.00
_cell.angle_gamma   120.00
#
_symmetry.space_group_name_H-M   'H 3 2'
#
loop_
_entity.id
_entity.type
_entity.pdbx_description
1 polymer 'SALMONELLA TYPHIMURIUM DB7155 BACTERIOPHAGE DET7 TAILSPIKE'
2 non-polymer 'SODIUM ION'
3 water water
#
_entity_poly.entity_id   1
_entity_poly.type   'polypeptide(L)'
_entity_poly.pdbx_seq_one_letter_code
;MVSVGDAAFRQEANKKFKYSVKLSDYSTLQDAVTDAVDGLLIDINYNFTDGESVDF(UNK)GKILTINCKAKFIGDGALI
FNNMGPGSVINQPFMESKTTPWVIFPWDADGKWITDAALVAATLKQSKIEGYQPGVNDWVKFPGLEALLPQNVKDQHIAA
TLDIRSASRVEIRNAGGLMAAYLFRSCHHCKVIDSDSIIGGKDGIITFENLSGDWGLGNYVIGGRVHYGSGSGVQFLRNN
GGESHNGGVIGVTSWRAGESGFKTYQGSVGGGTARNYNLQFRDSVALSPVWDGFDLGSDPGMAPEPDRPGDLPVSEYPFH
QLPNNHLVDNILVMNSLGVGLGMDGSGGYVSNVTVQDCAGAGMLAHTYNRVFSNITVIDCNYLNFDSDQIIIIGDCIVNG
IRAAGIKPQPSNGLVISAPNSTISGLVGNVPPDKILVGNLLDPVLGQSRVIGFNSDTAELALRINKLSATLDSGALRSHL
NGYAGSGSAWTELTALSGSTPNAVSLKVNRGDYKTTEIPISGTVLPDEGVLDINTMSLYLDAGALWALIRLPDGSKTRMK
LSV
;
_entity_poly.pdbx_strand_id   A
#
# COMPACT_ATOMS: atom_id res chain seq x y z
N ALA A 7 7.20 -22.00 -62.57
CA ALA A 7 6.56 -20.79 -61.95
C ALA A 7 5.09 -20.99 -61.65
N ALA A 8 4.53 -22.10 -62.13
CA ALA A 8 3.27 -22.57 -61.60
C ALA A 8 3.50 -22.72 -60.09
N PHE A 9 4.58 -23.40 -59.72
CA PHE A 9 4.86 -23.60 -58.30
C PHE A 9 5.13 -22.29 -57.53
N ARG A 10 5.81 -21.32 -58.13
CA ARG A 10 6.07 -20.04 -57.47
C ARG A 10 4.76 -19.38 -57.04
N GLN A 11 3.79 -19.30 -57.95
CA GLN A 11 2.49 -18.74 -57.61
C GLN A 11 1.72 -19.63 -56.61
N GLU A 12 1.80 -20.95 -56.76
CA GLU A 12 1.15 -21.88 -55.84
C GLU A 12 1.72 -21.71 -54.42
N ALA A 13 3.05 -21.64 -54.34
CA ALA A 13 3.76 -21.53 -53.04
C ALA A 13 3.40 -20.19 -52.37
N ASN A 14 3.48 -19.10 -53.14
CA ASN A 14 3.19 -17.79 -52.59
C ASN A 14 1.78 -17.69 -52.02
N LYS A 15 0.85 -18.47 -52.57
CA LYS A 15 -0.54 -18.49 -52.15
C LYS A 15 -0.77 -19.42 -50.94
N LYS A 16 0.07 -20.42 -50.69
CA LYS A 16 -0.26 -21.42 -49.69
C LYS A 16 0.59 -21.44 -48.45
N PHE A 17 1.72 -20.71 -48.42
CA PHE A 17 2.60 -20.76 -47.27
C PHE A 17 2.58 -19.44 -46.47
N LYS A 18 2.71 -19.58 -45.17
CA LYS A 18 2.81 -18.42 -44.27
C LYS A 18 4.09 -17.68 -44.47
N TYR A 19 4.02 -16.34 -44.45
CA TYR A 19 5.21 -15.51 -44.64
C TYR A 19 5.90 -15.21 -43.31
N SER A 20 7.21 -15.48 -43.25
CA SER A 20 8.02 -15.08 -42.11
C SER A 20 9.45 -14.96 -42.58
N VAL A 21 10.14 -13.94 -42.09
CA VAL A 21 11.58 -13.85 -42.29
C VAL A 21 12.29 -14.11 -40.96
N LYS A 22 13.57 -14.48 -41.05
CA LYS A 22 14.33 -14.78 -39.84
C LYS A 22 15.64 -13.98 -39.78
N LEU A 23 15.98 -13.51 -38.59
CA LEU A 23 17.07 -12.53 -38.43
C LEU A 23 18.42 -13.09 -38.96
N SER A 24 18.61 -14.38 -38.82
CA SER A 24 19.89 -15.02 -39.25
C SER A 24 20.16 -14.93 -40.75
N ASP A 25 19.15 -14.62 -41.55
CA ASP A 25 19.32 -14.42 -42.99
C ASP A 25 19.73 -12.99 -43.35
N TYR A 26 19.88 -12.11 -42.35
CA TYR A 26 20.25 -10.70 -42.56
C TYR A 26 21.42 -10.30 -41.66
N SER A 27 21.92 -9.09 -41.83
N SER A 27 21.91 -9.11 -41.86
CA SER A 27 23.05 -8.58 -41.04
CA SER A 27 22.88 -8.55 -40.95
C SER A 27 22.73 -7.26 -40.30
C SER A 27 22.12 -7.80 -39.86
N THR A 28 21.46 -6.86 -40.31
N THR A 28 21.75 -6.56 -40.14
CA THR A 28 20.98 -5.83 -39.37
CA THR A 28 21.10 -5.74 -39.12
C THR A 28 19.53 -6.12 -39.05
C THR A 28 19.66 -6.18 -38.96
N LEU A 29 19.11 -5.76 -37.84
CA LEU A 29 17.71 -5.93 -37.51
C LEU A 29 16.85 -5.14 -38.49
N GLN A 30 17.27 -3.91 -38.82
CA GLN A 30 16.53 -3.12 -39.82
C GLN A 30 16.37 -3.85 -41.17
N ASP A 31 17.46 -4.49 -41.64
CA ASP A 31 17.38 -5.21 -42.89
C ASP A 31 16.30 -6.30 -42.83
N ALA A 32 16.24 -7.03 -41.71
CA ALA A 32 15.21 -8.08 -41.59
C ALA A 32 13.81 -7.48 -41.58
N VAL A 33 13.63 -6.43 -40.80
CA VAL A 33 12.32 -5.76 -40.66
C VAL A 33 11.85 -5.18 -41.98
N THR A 34 12.75 -4.63 -42.75
CA THR A 34 12.43 -4.07 -44.09
C THR A 34 11.82 -5.15 -44.99
N ASP A 35 12.38 -6.35 -44.91
CA ASP A 35 11.90 -7.48 -45.74
C ASP A 35 10.66 -8.22 -45.20
N ALA A 36 10.32 -8.01 -43.95
CA ALA A 36 9.20 -8.66 -43.31
C ALA A 36 7.86 -8.19 -43.86
N VAL A 37 6.91 -9.12 -43.89
CA VAL A 37 5.56 -8.94 -44.39
C VAL A 37 4.51 -9.29 -43.31
N ASP A 38 4.73 -10.37 -42.58
CA ASP A 38 3.77 -10.95 -41.62
C ASP A 38 4.53 -11.34 -40.36
N GLY A 39 5.38 -12.37 -40.45
CA GLY A 39 6.14 -12.80 -39.30
C GLY A 39 7.60 -12.39 -39.38
N LEU A 40 8.23 -12.30 -38.20
CA LEU A 40 9.66 -12.08 -38.04
C LEU A 40 10.10 -12.98 -36.90
N LEU A 41 11.05 -13.85 -37.19
CA LEU A 41 11.63 -14.77 -36.19
C LEU A 41 13.01 -14.25 -35.78
N ILE A 42 13.21 -14.00 -34.48
CA ILE A 42 14.51 -13.68 -33.91
C ILE A 42 15.17 -14.97 -33.46
N ASP A 43 15.98 -15.56 -34.36
CA ASP A 43 16.45 -16.90 -34.18
C ASP A 43 17.91 -16.99 -33.66
N ILE A 44 18.59 -15.85 -33.61
CA ILE A 44 19.95 -15.74 -33.14
C ILE A 44 20.04 -14.51 -32.26
N ASN A 45 20.95 -14.54 -31.29
CA ASN A 45 21.16 -13.38 -30.46
C ASN A 45 21.58 -12.18 -31.34
N TYR A 46 21.14 -10.99 -30.93
CA TYR A 46 21.42 -9.77 -31.64
C TYR A 46 21.96 -8.74 -30.69
N ASN A 47 23.22 -8.35 -30.92
CA ASN A 47 23.92 -7.37 -30.12
C ASN A 47 23.70 -5.98 -30.69
N PHE A 48 22.92 -5.14 -29.99
CA PHE A 48 22.54 -3.80 -30.51
C PHE A 48 23.40 -2.69 -29.90
N THR A 49 23.45 -1.55 -30.58
CA THR A 49 24.13 -0.36 -30.04
C THR A 49 23.13 0.60 -29.46
N ASP A 50 23.55 1.38 -28.47
CA ASP A 50 22.66 2.37 -27.85
C ASP A 50 22.10 3.31 -28.88
N GLY A 51 20.79 3.40 -28.92
CA GLY A 51 20.13 4.25 -29.87
C GLY A 51 19.84 3.66 -31.22
N GLU A 52 20.14 2.38 -31.42
CA GLU A 52 19.86 1.72 -32.67
C GLU A 52 18.34 1.82 -32.90
N SER A 53 17.97 2.31 -34.08
CA SER A 53 16.57 2.61 -34.39
C SER A 53 16.11 1.78 -35.57
N VAL A 54 14.93 1.21 -35.45
CA VAL A 54 14.37 0.32 -36.44
C VAL A 54 12.99 0.84 -36.87
N ASP A 55 12.80 1.00 -38.19
CA ASP A 55 11.56 1.55 -38.77
C ASP A 55 10.75 0.39 -39.31
N PHE A 56 9.55 0.19 -38.73
CA PHE A 56 8.66 -0.91 -39.13
C PHE A 56 7.71 -0.55 -40.25
N UNK A 57 7.82 0.67 -40.75
CA UNK A 57 7.06 1.14 -41.95
C UNK A 57 5.54 0.98 -41.86
N GLY A 58 4.99 0.97 -40.64
CA GLY A 58 3.55 0.82 -40.38
C GLY A 58 3.03 -0.61 -40.53
N LYS A 59 3.92 -1.56 -40.73
CA LYS A 59 3.55 -2.96 -40.93
C LYS A 59 3.12 -3.60 -39.61
N ILE A 60 2.17 -4.50 -39.72
CA ILE A 60 1.59 -5.18 -38.56
C ILE A 60 2.28 -6.51 -38.49
N LEU A 61 3.32 -6.60 -37.70
CA LEU A 61 4.14 -7.81 -37.63
C LEU A 61 3.89 -8.61 -36.38
N THR A 62 4.08 -9.91 -36.50
CA THR A 62 4.19 -10.83 -35.33
C THR A 62 5.63 -11.19 -35.19
N ILE A 63 6.26 -10.76 -34.08
CA ILE A 63 7.69 -10.94 -33.86
C ILE A 63 7.78 -12.04 -32.87
N ASN A 64 8.35 -13.17 -33.29
CA ASN A 64 8.54 -14.31 -32.46
C ASN A 64 9.99 -14.40 -32.03
N CYS A 65 10.28 -14.17 -30.75
CA CYS A 65 11.67 -14.19 -30.31
C CYS A 65 12.05 -15.55 -29.77
N LYS A 66 13.17 -16.11 -30.25
CA LYS A 66 13.76 -17.35 -29.74
C LYS A 66 15.25 -17.14 -29.47
N ALA A 67 15.59 -15.92 -29.06
CA ALA A 67 16.96 -15.49 -28.76
C ALA A 67 16.89 -14.11 -28.12
N LYS A 68 18.03 -13.54 -27.77
CA LYS A 68 18.11 -12.32 -26.94
C LYS A 68 18.53 -11.10 -27.72
N PHE A 69 18.09 -9.93 -27.24
CA PHE A 69 18.62 -8.64 -27.64
C PHE A 69 19.57 -8.15 -26.54
N ILE A 70 20.85 -8.03 -26.87
CA ILE A 70 21.88 -7.72 -25.92
C ILE A 70 22.50 -6.36 -26.23
N GLY A 71 22.57 -5.49 -25.24
CA GLY A 71 23.19 -4.19 -25.42
C GLY A 71 23.00 -3.29 -24.23
N ASP A 72 23.78 -2.21 -24.15
CA ASP A 72 23.59 -1.20 -23.15
C ASP A 72 22.86 -0.08 -23.84
N GLY A 73 21.80 0.45 -23.23
CA GLY A 73 21.07 1.57 -23.85
C GLY A 73 19.77 1.12 -24.49
N ALA A 74 19.28 1.91 -25.45
CA ALA A 74 17.94 1.71 -26.00
C ALA A 74 17.99 1.12 -27.41
N LEU A 75 17.16 0.09 -27.62
CA LEU A 75 16.81 -0.42 -28.93
C LEU A 75 15.44 0.15 -29.23
N ILE A 76 15.34 0.98 -30.28
CA ILE A 76 14.16 1.81 -30.55
C ILE A 76 13.35 1.29 -31.72
N PHE A 77 12.06 1.04 -31.49
CA PHE A 77 11.15 0.51 -32.51
C PHE A 77 10.14 1.61 -32.88
N ASN A 78 10.26 2.13 -34.12
CA ASN A 78 9.42 3.18 -34.67
C ASN A 78 8.47 2.67 -35.72
N ASN A 79 7.31 3.32 -35.79
CA ASN A 79 6.30 3.04 -36.81
C ASN A 79 5.80 1.60 -36.85
N MET A 80 5.67 0.96 -35.68
CA MET A 80 4.97 -0.32 -35.63
C MET A 80 3.50 -0.16 -35.98
N GLY A 81 2.99 -1.10 -36.77
CA GLY A 81 1.58 -1.08 -37.11
C GLY A 81 0.71 -1.53 -35.97
N PRO A 82 -0.53 -1.08 -35.98
CA PRO A 82 -1.39 -1.41 -34.88
C PRO A 82 -1.75 -2.85 -34.87
N GLY A 83 -1.74 -3.46 -33.69
CA GLY A 83 -2.03 -4.87 -33.60
C GLY A 83 -0.79 -5.74 -33.68
N SER A 84 0.39 -5.13 -33.77
CA SER A 84 1.60 -5.93 -33.78
C SER A 84 1.74 -6.68 -32.43
N VAL A 85 2.49 -7.78 -32.44
CA VAL A 85 2.70 -8.61 -31.22
C VAL A 85 4.17 -8.94 -31.16
N ILE A 86 4.75 -8.83 -29.98
CA ILE A 86 6.14 -9.26 -29.73
C ILE A 86 6.11 -10.38 -28.71
N ASN A 87 6.41 -11.61 -29.14
CA ASN A 87 6.36 -12.79 -28.27
C ASN A 87 7.74 -13.12 -27.73
N GLN A 88 7.82 -13.25 -26.40
CA GLN A 88 9.00 -13.74 -25.70
C GLN A 88 10.31 -12.95 -25.93
N PRO A 89 10.21 -11.60 -26.00
CA PRO A 89 11.44 -10.85 -26.12
C PRO A 89 12.28 -11.05 -24.85
N PHE A 90 13.60 -10.93 -24.99
CA PHE A 90 14.48 -10.99 -23.83
C PHE A 90 15.56 -9.90 -24.01
N MET A 91 15.55 -8.86 -23.14
CA MET A 91 16.52 -7.77 -23.17
C MET A 91 17.61 -8.04 -22.13
N GLU A 92 18.90 -8.02 -22.54
CA GLU A 92 20.00 -8.27 -21.59
C GLU A 92 21.07 -7.20 -21.76
N SER A 93 21.52 -6.62 -20.66
CA SER A 93 22.58 -5.61 -20.76
C SER A 93 23.84 -6.27 -21.22
N LYS A 94 24.66 -5.46 -21.87
CA LYS A 94 26.01 -5.87 -22.24
C LYS A 94 26.93 -5.86 -21.01
N THR A 95 26.87 -4.76 -20.26
CA THR A 95 27.73 -4.55 -19.11
C THR A 95 27.15 -5.29 -17.90
N THR A 96 28.02 -5.80 -17.04
CA THR A 96 27.59 -6.40 -15.78
C THR A 96 27.84 -5.30 -14.73
N PRO A 97 26.78 -4.67 -14.22
CA PRO A 97 26.94 -3.51 -13.36
C PRO A 97 27.33 -3.86 -11.92
N TRP A 98 27.83 -2.88 -11.14
CA TRP A 98 27.99 -3.00 -9.71
C TRP A 98 26.59 -2.81 -9.08
N VAL A 99 26.23 -3.74 -8.21
CA VAL A 99 24.93 -3.66 -7.53
C VAL A 99 25.07 -3.82 -6.02
N ILE A 100 24.08 -3.26 -5.29
CA ILE A 100 23.91 -3.58 -3.88
C ILE A 100 22.79 -4.61 -3.69
N PHE A 101 22.85 -5.28 -2.53
CA PHE A 101 21.98 -6.39 -2.20
C PHE A 101 21.61 -6.33 -0.72
N PRO A 102 20.64 -5.42 -0.37
CA PRO A 102 20.34 -5.17 1.02
C PRO A 102 19.45 -6.25 1.68
N TRP A 103 19.68 -7.52 1.35
CA TRP A 103 19.01 -8.66 2.00
C TRP A 103 20.07 -9.65 2.43
N ASP A 104 19.92 -10.18 3.64
CA ASP A 104 20.89 -11.16 4.10
C ASP A 104 20.51 -12.59 3.73
N ALA A 105 21.36 -13.54 4.15
CA ALA A 105 21.19 -14.91 3.75
C ALA A 105 19.88 -15.54 4.22
N ASP A 106 19.34 -15.01 5.32
CA ASP A 106 18.07 -15.49 5.84
C ASP A 106 16.89 -14.70 5.26
N GLY A 107 17.16 -13.75 4.37
CA GLY A 107 16.10 -12.97 3.70
C GLY A 107 15.73 -11.67 4.41
N LYS A 108 16.38 -11.38 5.53
CA LYS A 108 16.10 -10.17 6.29
C LYS A 108 16.71 -8.93 5.67
N TRP A 109 16.06 -7.80 5.86
CA TRP A 109 16.57 -6.52 5.35
C TRP A 109 17.88 -6.21 6.04
N ILE A 110 18.81 -5.66 5.26
CA ILE A 110 20.04 -5.01 5.79
C ILE A 110 19.82 -3.54 5.65
N THR A 111 19.91 -2.83 6.79
CA THR A 111 19.61 -1.39 6.80
C THR A 111 20.82 -0.50 7.12
N ASP A 112 21.87 -1.09 7.70
CA ASP A 112 23.06 -0.34 8.09
C ASP A 112 23.92 -0.05 6.86
N ALA A 113 24.22 1.23 6.65
CA ALA A 113 24.95 1.69 5.44
C ALA A 113 26.23 0.92 5.19
N ALA A 114 27.04 0.67 6.23
CA ALA A 114 28.29 -0.03 6.02
C ALA A 114 28.08 -1.49 5.61
N LEU A 115 27.05 -2.11 6.18
CA LEU A 115 26.73 -3.48 5.82
C LEU A 115 26.16 -3.57 4.39
N VAL A 116 25.36 -2.58 3.99
CA VAL A 116 24.84 -2.51 2.61
C VAL A 116 26.00 -2.29 1.62
N ALA A 117 26.90 -1.35 1.96
CA ALA A 117 28.09 -1.12 1.13
C ALA A 117 28.93 -2.35 0.92
N ALA A 118 29.03 -3.21 1.94
CA ALA A 118 29.82 -4.43 1.84
C ALA A 118 29.19 -5.49 0.93
N THR A 119 27.90 -5.34 0.58
CA THR A 119 27.25 -6.27 -0.36
C THR A 119 27.58 -5.97 -1.82
N LEU A 120 28.31 -4.92 -2.05
CA LEU A 120 28.60 -4.43 -3.42
C LEU A 120 29.32 -5.53 -4.20
N LYS A 121 28.76 -5.87 -5.35
CA LYS A 121 29.34 -6.86 -6.25
C LYS A 121 28.90 -6.60 -7.69
N GLN A 122 29.56 -7.24 -8.66
CA GLN A 122 29.14 -7.13 -10.06
C GLN A 122 28.19 -8.30 -10.37
N SER A 123 26.95 -7.97 -10.82
CA SER A 123 25.99 -8.98 -11.13
C SER A 123 24.97 -8.43 -12.13
N LYS A 124 24.55 -9.31 -13.03
CA LYS A 124 23.49 -9.00 -13.97
C LYS A 124 22.17 -9.65 -13.53
N ILE A 125 22.22 -10.48 -12.51
CA ILE A 125 21.07 -11.35 -12.20
C ILE A 125 20.30 -11.05 -10.91
N GLU A 126 20.88 -10.27 -10.01
CA GLU A 126 20.18 -9.92 -8.78
C GLU A 126 20.79 -8.66 -8.18
N GLY A 127 20.10 -8.09 -7.23
CA GLY A 127 20.47 -6.79 -6.67
C GLY A 127 20.15 -5.66 -7.61
N TYR A 128 20.49 -4.44 -7.19
CA TYR A 128 20.27 -3.30 -8.08
C TYR A 128 21.36 -2.23 -7.94
N GLN A 129 21.49 -1.47 -9.02
CA GLN A 129 22.43 -0.34 -9.06
C GLN A 129 21.96 0.80 -8.17
N PRO A 130 22.75 1.19 -7.19
CA PRO A 130 22.30 2.19 -6.22
C PRO A 130 22.28 3.60 -6.81
N GLY A 131 21.44 4.47 -6.25
CA GLY A 131 21.35 5.85 -6.71
C GLY A 131 20.80 6.78 -5.63
N VAL A 132 20.31 7.92 -6.08
CA VAL A 132 19.97 9.02 -5.15
C VAL A 132 18.98 8.60 -4.07
N ASN A 133 18.02 7.72 -4.42
CA ASN A 133 17.08 7.26 -3.40
C ASN A 133 17.74 6.46 -2.30
N ASP A 134 18.83 5.75 -2.63
CA ASP A 134 19.49 4.88 -1.66
C ASP A 134 20.29 5.74 -0.65
N TRP A 135 20.70 6.92 -1.09
CA TRP A 135 21.42 7.84 -0.18
C TRP A 135 20.52 8.26 0.96
N VAL A 136 19.20 8.34 0.72
CA VAL A 136 18.21 8.66 1.76
C VAL A 136 17.78 7.42 2.54
N LYS A 137 17.56 6.31 1.82
CA LYS A 137 17.16 5.08 2.44
C LYS A 137 18.19 4.47 3.37
N PHE A 138 19.49 4.61 3.04
CA PHE A 138 20.57 4.04 3.81
C PHE A 138 21.55 5.20 4.13
N PRO A 139 21.19 6.05 5.10
CA PRO A 139 22.08 7.20 5.35
C PRO A 139 23.50 6.79 5.69
N GLY A 140 24.43 7.43 4.98
CA GLY A 140 25.86 7.16 5.05
C GLY A 140 26.39 6.41 3.84
N LEU A 141 25.49 5.78 3.08
CA LEU A 141 25.93 4.92 1.98
C LEU A 141 26.62 5.71 0.89
N GLU A 142 26.15 6.93 0.63
CA GLU A 142 26.63 7.74 -0.45
C GLU A 142 28.18 7.93 -0.32
N ALA A 143 28.64 8.21 0.90
CA ALA A 143 30.08 8.40 1.15
C ALA A 143 30.91 7.12 1.03
N LEU A 144 30.28 5.95 1.07
CA LEU A 144 30.99 4.68 1.05
C LEU A 144 31.21 4.08 -0.33
N LEU A 145 30.58 4.66 -1.35
CA LEU A 145 30.67 4.16 -2.70
C LEU A 145 31.47 5.08 -3.61
N PRO A 146 32.26 4.51 -4.55
CA PRO A 146 33.01 5.37 -5.47
C PRO A 146 32.17 6.02 -6.54
N GLN A 147 32.66 7.14 -7.09
CA GLN A 147 31.90 7.93 -8.04
C GLN A 147 31.46 7.12 -9.28
N ASN A 148 32.29 6.22 -9.77
CA ASN A 148 31.90 5.46 -10.97
C ASN A 148 30.69 4.54 -10.72
N VAL A 149 30.54 4.06 -9.48
CA VAL A 149 29.36 3.23 -9.13
C VAL A 149 28.18 4.14 -9.08
N LYS A 150 28.35 5.29 -8.46
CA LYS A 150 27.25 6.27 -8.38
C LYS A 150 26.80 6.81 -9.73
N ASP A 151 27.68 6.85 -10.73
CA ASP A 151 27.37 7.39 -12.05
C ASP A 151 26.80 6.34 -13.03
N GLN A 152 26.75 5.07 -12.62
CA GLN A 152 26.25 3.98 -13.52
C GLN A 152 24.84 4.22 -13.95
N HIS A 153 24.49 3.75 -15.14
CA HIS A 153 23.11 3.79 -15.57
C HIS A 153 22.85 2.70 -16.61
N ILE A 154 23.08 1.46 -16.20
CA ILE A 154 22.97 0.28 -17.10
C ILE A 154 21.53 -0.27 -17.18
N ALA A 155 21.02 -0.31 -18.40
CA ALA A 155 19.80 -1.07 -18.71
C ALA A 155 19.79 -1.36 -20.16
N ALA A 156 19.30 -2.54 -20.54
CA ALA A 156 18.94 -2.81 -21.94
C ALA A 156 17.45 -2.47 -22.10
N THR A 157 17.17 -1.41 -22.84
CA THR A 157 15.80 -0.88 -22.95
C THR A 157 15.22 -1.17 -24.32
N LEU A 158 14.04 -1.79 -24.34
CA LEU A 158 13.21 -1.83 -25.56
C LEU A 158 12.28 -0.63 -25.52
N ASP A 159 12.46 0.31 -26.47
CA ASP A 159 11.79 1.64 -26.48
C ASP A 159 10.84 1.62 -27.68
N ILE A 160 9.54 1.47 -27.41
CA ILE A 160 8.51 1.45 -28.45
C ILE A 160 7.85 2.82 -28.51
N ARG A 161 7.86 3.45 -29.69
CA ARG A 161 7.51 4.86 -29.82
C ARG A 161 6.25 5.09 -30.66
N SER A 162 5.32 5.85 -30.11
CA SER A 162 4.09 6.26 -30.79
C SER A 162 3.33 5.15 -31.51
N ALA A 163 3.07 4.08 -30.78
CA ALA A 163 2.36 2.92 -31.29
C ALA A 163 0.96 2.83 -30.65
N SER A 164 0.09 2.06 -31.28
CA SER A 164 -1.25 1.80 -30.78
C SER A 164 -1.50 0.31 -30.86
N ARG A 165 -2.08 -0.27 -29.80
CA ARG A 165 -2.51 -1.70 -29.80
C ARG A 165 -1.36 -2.64 -30.11
N VAL A 166 -0.22 -2.39 -29.50
CA VAL A 166 0.91 -3.30 -29.59
C VAL A 166 0.94 -4.05 -28.27
N GLU A 167 1.12 -5.36 -28.38
CA GLU A 167 1.20 -6.25 -27.18
C GLU A 167 2.56 -6.91 -27.12
N ILE A 168 3.14 -6.93 -25.92
CA ILE A 168 4.36 -7.71 -25.63
C ILE A 168 3.91 -8.85 -24.71
N ARG A 169 4.23 -10.09 -25.07
CA ARG A 169 3.80 -11.24 -24.30
C ARG A 169 5.00 -12.02 -23.80
N ASN A 170 4.96 -12.45 -22.53
CA ASN A 170 6.02 -13.35 -21.98
C ASN A 170 7.43 -12.78 -22.07
N ALA A 171 7.51 -11.47 -21.79
CA ALA A 171 8.82 -10.74 -21.81
C ALA A 171 9.73 -11.21 -20.70
N GLY A 172 11.02 -11.22 -21.02
CA GLY A 172 12.04 -11.46 -20.01
C GLY A 172 13.20 -10.49 -20.11
N GLY A 173 14.16 -10.69 -19.22
CA GLY A 173 15.41 -9.93 -19.30
C GLY A 173 16.28 -9.96 -18.08
N LEU A 174 17.49 -9.41 -18.30
CA LEU A 174 18.50 -9.21 -17.27
C LEU A 174 19.00 -7.79 -17.36
N MET A 175 18.83 -7.02 -16.30
CA MET A 175 19.05 -5.59 -16.29
C MET A 175 18.30 -4.91 -17.41
N ALA A 176 16.98 -5.22 -17.48
CA ALA A 176 16.14 -4.88 -18.62
C ALA A 176 15.12 -3.79 -18.30
N ALA A 177 14.72 -3.06 -19.33
CA ALA A 177 13.55 -2.16 -19.26
C ALA A 177 12.72 -2.23 -20.52
N TYR A 178 11.38 -2.10 -20.36
CA TYR A 178 10.48 -1.99 -21.45
C TYR A 178 9.79 -0.63 -21.30
N LEU A 179 9.90 0.20 -22.34
CA LEU A 179 9.49 1.59 -22.26
C LEU A 179 8.60 1.88 -23.46
N PHE A 180 7.39 2.38 -23.22
CA PHE A 180 6.48 2.80 -24.26
C PHE A 180 6.38 4.32 -24.18
N ARG A 181 6.72 5.03 -25.27
CA ARG A 181 6.70 6.48 -25.28
C ARG A 181 5.57 6.92 -26.22
N SER A 182 4.63 7.70 -25.71
CA SER A 182 3.51 8.24 -26.46
C SER A 182 2.63 7.15 -27.11
N CYS A 183 2.44 6.04 -26.40
CA CYS A 183 1.66 4.93 -26.89
C CYS A 183 0.27 4.93 -26.27
N HIS A 184 -0.64 4.17 -26.89
CA HIS A 184 -2.02 4.02 -26.44
C HIS A 184 -2.54 2.60 -26.72
N HIS A 185 -3.37 2.05 -25.83
CA HIS A 185 -3.88 0.70 -25.98
C HIS A 185 -2.82 -0.37 -26.12
N CYS A 186 -1.69 -0.18 -25.46
CA CYS A 186 -0.57 -1.13 -25.48
C CYS A 186 -0.57 -1.95 -24.19
N LYS A 187 -0.17 -3.21 -24.29
CA LYS A 187 -0.20 -4.08 -23.12
C LYS A 187 1.06 -4.90 -22.98
N VAL A 188 1.46 -5.17 -21.73
CA VAL A 188 2.57 -6.04 -21.45
C VAL A 188 1.98 -7.17 -20.62
N ILE A 189 1.92 -8.37 -21.21
CA ILE A 189 1.18 -9.48 -20.68
C ILE A 189 2.12 -10.63 -20.24
N ASP A 190 1.81 -11.22 -19.07
CA ASP A 190 2.49 -12.43 -18.57
C ASP A 190 4.03 -12.37 -18.57
N SER A 191 4.55 -11.24 -18.07
CA SER A 191 6.01 -11.08 -17.93
C SER A 191 6.62 -12.18 -17.12
N ASP A 192 7.77 -12.65 -17.59
CA ASP A 192 8.41 -13.84 -17.10
C ASP A 192 9.56 -13.52 -16.14
N SER A 193 9.24 -12.86 -15.03
CA SER A 193 10.22 -12.55 -13.97
C SER A 193 11.39 -11.76 -14.54
N ILE A 194 11.04 -10.68 -15.23
CA ILE A 194 12.00 -9.77 -15.81
C ILE A 194 12.90 -9.24 -14.68
N ILE A 195 14.23 -9.37 -14.81
CA ILE A 195 15.11 -8.75 -13.86
C ILE A 195 15.41 -7.34 -14.34
N GLY A 196 14.94 -6.34 -13.58
CA GLY A 196 15.18 -4.94 -13.90
C GLY A 196 16.60 -4.43 -13.85
N GLY A 197 16.85 -3.32 -14.56
CA GLY A 197 18.08 -2.56 -14.48
C GLY A 197 17.88 -1.20 -13.84
N LYS A 198 18.59 -0.20 -14.33
CA LYS A 198 18.58 1.08 -13.65
C LYS A 198 17.21 1.80 -13.69
N ASP A 199 16.47 1.61 -14.79
CA ASP A 199 15.20 2.32 -15.00
C ASP A 199 14.01 1.49 -14.53
N GLY A 200 12.85 2.11 -14.40
CA GLY A 200 11.63 1.36 -14.16
C GLY A 200 11.54 0.18 -15.11
N ILE A 201 10.96 -0.91 -14.63
CA ILE A 201 10.95 -2.13 -15.45
C ILE A 201 10.02 -2.02 -16.63
N ILE A 202 8.75 -1.67 -16.35
CA ILE A 202 7.79 -1.39 -17.41
C ILE A 202 7.27 0.03 -17.20
N THR A 203 7.35 0.87 -18.24
CA THR A 203 6.97 2.27 -18.12
C THR A 203 6.12 2.69 -19.32
N PHE A 204 4.98 3.31 -19.04
CA PHE A 204 4.22 4.00 -20.06
C PHE A 204 4.37 5.49 -19.82
N GLU A 205 5.08 6.16 -20.73
CA GLU A 205 5.42 7.57 -20.62
C GLU A 205 4.64 8.33 -21.71
N ASN A 206 3.66 9.16 -21.28
CA ASN A 206 2.87 9.96 -22.18
C ASN A 206 2.92 11.46 -21.85
N LEU A 207 4.12 11.97 -21.67
CA LEU A 207 4.32 13.36 -21.23
C LEU A 207 3.85 14.37 -22.29
N SER A 208 3.96 13.95 -23.56
CA SER A 208 3.54 14.77 -24.72
C SER A 208 2.38 14.12 -25.45
N GLY A 209 1.67 14.88 -26.26
CA GLY A 209 0.59 14.33 -27.03
C GLY A 209 -0.64 14.12 -26.17
N ASP A 210 -1.53 13.24 -26.60
CA ASP A 210 -2.72 12.89 -25.86
C ASP A 210 -2.30 12.17 -24.57
N TRP A 211 -3.10 12.32 -23.52
CA TRP A 211 -2.85 11.53 -22.28
C TRP A 211 -2.86 10.09 -22.69
N GLY A 212 -2.05 9.28 -22.02
CA GLY A 212 -2.07 7.83 -22.25
C GLY A 212 -3.41 7.20 -21.85
N LEU A 213 -3.84 6.20 -22.60
CA LEU A 213 -5.15 5.58 -22.43
C LEU A 213 -5.02 4.12 -22.92
N GLY A 214 -5.57 3.20 -22.12
CA GLY A 214 -5.67 1.82 -22.53
C GLY A 214 -4.36 1.02 -22.34
N ASN A 215 -3.42 1.60 -21.59
CA ASN A 215 -2.12 0.94 -21.42
C ASN A 215 -2.11 0.12 -20.13
N TYR A 216 -1.74 -1.16 -20.26
CA TYR A 216 -1.80 -2.08 -19.14
C TYR A 216 -0.60 -2.97 -19.00
N VAL A 217 -0.42 -3.47 -17.77
CA VAL A 217 0.43 -4.62 -17.44
C VAL A 217 -0.54 -5.64 -16.83
N ILE A 218 -0.64 -6.81 -17.49
CA ILE A 218 -1.59 -7.86 -17.10
C ILE A 218 -0.83 -9.18 -16.86
N GLY A 219 -0.92 -9.70 -15.65
CA GLY A 219 -0.28 -10.93 -15.29
C GLY A 219 1.24 -10.84 -15.17
N GLY A 220 1.81 -11.93 -14.71
CA GLY A 220 3.27 -12.06 -14.73
C GLY A 220 3.94 -11.33 -13.56
N ARG A 221 5.27 -11.26 -13.64
CA ARG A 221 6.09 -10.78 -12.55
C ARG A 221 7.32 -10.05 -13.05
N VAL A 222 7.77 -9.12 -12.20
CA VAL A 222 9.02 -8.41 -12.34
C VAL A 222 9.83 -8.45 -11.03
N HIS A 223 11.16 -8.47 -11.17
CA HIS A 223 12.11 -8.62 -10.04
C HIS A 223 13.20 -7.52 -10.07
N TYR A 224 13.57 -7.06 -8.87
CA TYR A 224 14.67 -6.11 -8.69
C TYR A 224 14.41 -4.81 -9.50
N GLY A 225 15.41 -4.25 -10.15
CA GLY A 225 15.32 -2.92 -10.75
C GLY A 225 15.70 -1.87 -9.70
N SER A 226 16.32 -0.79 -10.16
CA SER A 226 16.69 0.29 -9.23
C SER A 226 15.51 1.23 -9.00
N GLY A 227 14.55 1.21 -9.91
CA GLY A 227 13.33 2.02 -9.83
C GLY A 227 12.12 1.17 -9.55
N SER A 228 10.98 1.60 -10.07
CA SER A 228 9.72 0.93 -9.78
C SER A 228 9.41 -0.16 -10.79
N GLY A 229 8.66 -1.17 -10.36
CA GLY A 229 8.36 -2.28 -11.21
C GLY A 229 7.59 -1.87 -12.45
N VAL A 230 6.44 -1.24 -12.18
CA VAL A 230 5.59 -0.67 -13.22
C VAL A 230 5.33 0.79 -12.90
N GLN A 231 5.49 1.66 -13.89
CA GLN A 231 5.21 3.06 -13.66
C GLN A 231 4.51 3.74 -14.82
N PHE A 232 3.62 4.71 -14.47
CA PHE A 232 2.88 5.51 -15.46
C PHE A 232 3.20 6.97 -15.33
N LEU A 233 3.24 7.66 -16.48
CA LEU A 233 3.42 9.12 -16.55
C LEU A 233 2.37 9.70 -17.50
N ARG A 234 1.52 10.59 -16.97
CA ARG A 234 0.47 11.27 -17.74
C ARG A 234 -0.45 10.29 -18.53
N ASN A 235 -0.92 9.27 -17.81
CA ASN A 235 -1.98 8.37 -18.26
C ASN A 235 -3.28 8.73 -17.54
N ASN A 236 -4.38 8.70 -18.30
CA ASN A 236 -5.77 8.91 -17.81
C ASN A 236 -6.65 7.84 -18.39
N GLY A 237 -7.13 6.92 -17.56
CA GLY A 237 -7.96 5.80 -18.04
C GLY A 237 -9.39 6.27 -18.31
N GLY A 238 -9.67 7.56 -18.05
CA GLY A 238 -11.01 8.09 -18.30
C GLY A 238 -12.08 7.52 -17.38
N GLU A 239 -13.34 7.90 -17.60
CA GLU A 239 -14.36 7.38 -16.74
C GLU A 239 -14.44 5.85 -16.84
N SER A 240 -13.98 5.28 -17.95
CA SER A 240 -14.01 3.81 -18.08
C SER A 240 -12.92 3.08 -17.27
N HIS A 241 -12.00 3.83 -16.68
CA HIS A 241 -10.82 3.25 -15.98
C HIS A 241 -10.05 2.26 -16.88
N ASN A 242 -9.80 2.69 -18.11
CA ASN A 242 -9.17 1.84 -19.11
C ASN A 242 -7.65 2.00 -19.10
N GLY A 243 -7.01 1.37 -18.15
CA GLY A 243 -5.54 1.39 -18.02
C GLY A 243 -5.16 0.87 -16.64
N GLY A 244 -3.88 0.52 -16.47
CA GLY A 244 -3.36 0.11 -15.15
C GLY A 244 -2.72 -1.22 -15.10
N VAL A 245 -2.89 -1.88 -13.96
CA VAL A 245 -2.21 -3.12 -13.58
C VAL A 245 -3.24 -4.10 -13.05
N ILE A 246 -3.30 -5.31 -13.65
CA ILE A 246 -4.21 -6.38 -13.19
C ILE A 246 -3.42 -7.69 -13.13
N GLY A 247 -3.37 -8.30 -11.96
CA GLY A 247 -2.74 -9.61 -11.85
C GLY A 247 -1.24 -9.70 -11.88
N VAL A 248 -0.56 -8.61 -11.47
CA VAL A 248 0.93 -8.57 -11.61
C VAL A 248 1.60 -8.69 -10.24
N THR A 249 2.81 -9.27 -10.19
CA THR A 249 3.59 -9.28 -8.97
C THR A 249 4.90 -8.56 -9.23
N SER A 250 5.33 -7.72 -8.26
CA SER A 250 6.69 -7.18 -8.18
C SER A 250 7.37 -7.66 -6.93
N TRP A 251 8.61 -8.09 -7.07
CA TRP A 251 9.44 -8.54 -5.93
C TRP A 251 10.79 -7.77 -5.90
N ARG A 252 11.13 -7.25 -4.73
CA ARG A 252 12.39 -6.55 -4.44
C ARG A 252 12.68 -5.36 -5.37
N ALA A 253 11.66 -4.57 -5.67
CA ALA A 253 11.85 -3.30 -6.40
C ALA A 253 12.75 -2.40 -5.60
N GLY A 254 13.74 -1.83 -6.28
CA GLY A 254 14.64 -0.82 -5.67
C GLY A 254 13.91 0.43 -5.28
N GLU A 255 12.78 0.75 -5.95
CA GLU A 255 11.90 1.84 -5.52
C GLU A 255 10.58 1.21 -5.04
N SER A 256 9.52 1.28 -5.82
CA SER A 256 8.21 0.80 -5.43
C SER A 256 7.74 -0.26 -6.40
N GLY A 257 6.82 -1.11 -5.96
CA GLY A 257 6.30 -2.15 -6.87
C GLY A 257 5.63 -1.48 -8.08
N PHE A 258 4.65 -0.64 -7.76
CA PHE A 258 3.81 -0.02 -8.71
C PHE A 258 3.63 1.46 -8.38
N LYS A 259 3.83 2.30 -9.38
CA LYS A 259 3.95 3.76 -9.15
C LYS A 259 3.21 4.60 -10.18
N THR A 260 2.38 5.51 -9.66
CA THR A 260 1.90 6.62 -10.47
C THR A 260 2.79 7.83 -10.19
N TYR A 261 3.43 8.33 -11.26
CA TYR A 261 4.39 9.44 -11.01
C TYR A 261 3.73 10.62 -10.41
N GLN A 262 4.48 11.32 -9.55
CA GLN A 262 4.03 12.52 -8.89
C GLN A 262 4.70 13.73 -9.50
N GLY A 263 3.98 14.82 -9.53
CA GLY A 263 4.52 16.11 -9.93
C GLY A 263 4.74 16.29 -11.42
N SER A 264 5.84 16.95 -11.76
CA SER A 264 6.20 17.32 -13.14
C SER A 264 7.48 16.63 -13.59
N VAL A 265 7.56 16.39 -14.91
CA VAL A 265 8.81 15.94 -15.56
C VAL A 265 8.95 16.80 -16.78
N GLY A 266 10.12 17.40 -16.98
CA GLY A 266 10.33 18.24 -18.18
C GLY A 266 9.45 19.48 -18.23
N GLY A 267 9.02 19.97 -17.08
CA GLY A 267 8.20 21.17 -17.00
C GLY A 267 6.70 21.04 -17.16
N GLY A 268 6.19 19.81 -17.31
CA GLY A 268 4.72 19.56 -17.46
C GLY A 268 4.37 18.32 -16.61
N THR A 269 3.09 18.16 -16.37
CA THR A 269 2.66 17.16 -15.42
C THR A 269 3.00 15.74 -15.87
N ALA A 270 3.32 14.89 -14.88
CA ALA A 270 3.55 13.46 -15.06
C ALA A 270 2.49 12.62 -14.32
N ARG A 271 1.43 13.29 -13.85
CA ARG A 271 0.44 12.71 -13.00
C ARG A 271 -0.51 11.76 -13.79
N ASN A 272 -1.36 11.03 -13.04
CA ASN A 272 -2.17 9.98 -13.65
C ASN A 272 -3.55 10.00 -12.98
N TYR A 273 -4.55 9.55 -13.73
CA TYR A 273 -5.94 9.54 -13.25
C TYR A 273 -6.65 8.26 -13.74
N ASN A 274 -7.56 7.72 -12.91
CA ASN A 274 -8.53 6.73 -13.40
C ASN A 274 -7.85 5.48 -13.93
N LEU A 275 -6.87 4.97 -13.19
CA LEU A 275 -6.18 3.73 -13.56
C LEU A 275 -6.64 2.62 -12.59
N GLN A 276 -6.57 1.37 -13.06
CA GLN A 276 -6.78 0.21 -12.17
C GLN A 276 -5.55 -0.29 -11.51
N PHE A 277 -5.68 -0.73 -10.25
CA PHE A 277 -4.63 -1.44 -9.54
C PHE A 277 -5.36 -2.57 -8.82
N ARG A 278 -5.43 -3.75 -9.49
CA ARG A 278 -6.29 -4.83 -9.02
C ARG A 278 -5.62 -6.20 -9.12
N ASP A 279 -5.92 -7.06 -8.15
CA ASP A 279 -5.46 -8.45 -8.17
C ASP A 279 -3.93 -8.56 -8.28
N SER A 280 -3.23 -7.63 -7.63
CA SER A 280 -1.77 -7.52 -7.78
C SER A 280 -1.04 -7.56 -6.44
N VAL A 281 0.25 -7.88 -6.48
CA VAL A 281 1.01 -8.23 -5.27
C VAL A 281 2.36 -7.57 -5.34
N ALA A 282 2.74 -6.83 -4.24
CA ALA A 282 4.11 -6.27 -4.14
C ALA A 282 4.78 -6.93 -2.94
N LEU A 283 5.99 -7.49 -3.16
CA LEU A 283 6.73 -8.22 -2.13
C LEU A 283 8.13 -7.57 -1.97
N SER A 284 8.48 -7.22 -0.73
CA SER A 284 9.80 -6.69 -0.36
C SER A 284 10.30 -5.49 -1.19
N PRO A 285 9.46 -4.50 -1.50
CA PRO A 285 10.03 -3.28 -2.15
C PRO A 285 10.82 -2.45 -1.13
N VAL A 286 11.87 -1.83 -1.62
CA VAL A 286 12.70 -0.92 -0.80
C VAL A 286 11.90 0.31 -0.34
N TRP A 287 11.06 0.87 -1.21
CA TRP A 287 10.18 1.94 -0.83
C TRP A 287 8.75 1.40 -0.62
N ASP A 288 7.82 1.60 -1.54
CA ASP A 288 6.40 1.33 -1.28
C ASP A 288 5.94 0.08 -2.07
N GLY A 289 4.88 -0.59 -1.63
CA GLY A 289 4.31 -1.65 -2.42
C GLY A 289 3.62 -0.99 -3.63
N PHE A 290 2.57 -0.21 -3.31
CA PHE A 290 1.88 0.60 -4.33
C PHE A 290 2.02 2.08 -3.90
N ASP A 291 2.62 2.92 -4.77
CA ASP A 291 2.80 4.37 -4.55
C ASP A 291 1.89 5.09 -5.53
N LEU A 292 0.67 5.41 -5.06
CA LEU A 292 -0.40 5.91 -5.91
C LEU A 292 -0.78 7.39 -5.78
N GLY A 293 0.08 8.14 -5.14
CA GLY A 293 -0.13 9.55 -4.99
C GLY A 293 0.07 10.33 -6.27
N SER A 294 -0.39 11.59 -6.29
CA SER A 294 -0.26 12.44 -7.44
C SER A 294 0.65 13.65 -7.21
N ASP A 295 0.68 14.15 -5.98
CA ASP A 295 1.45 15.33 -5.66
C ASP A 295 2.67 14.99 -4.82
N PRO A 296 3.84 15.56 -5.15
CA PRO A 296 5.05 15.21 -4.40
C PRO A 296 5.14 15.83 -3.02
N GLY A 297 5.74 15.10 -2.12
CA GLY A 297 5.87 15.53 -0.73
C GLY A 297 6.66 16.83 -0.60
N MET A 298 7.77 16.96 -1.31
CA MET A 298 8.63 18.16 -1.14
C MET A 298 8.09 19.45 -1.76
N ALA A 299 7.04 19.35 -2.58
CA ALA A 299 6.35 20.49 -3.15
C ALA A 299 7.25 21.61 -3.68
N PRO A 300 8.08 21.28 -4.68
CA PRO A 300 9.00 22.27 -5.19
C PRO A 300 8.44 23.29 -6.18
N GLU A 301 7.14 23.23 -6.52
CA GLU A 301 6.53 24.29 -7.34
C GLU A 301 5.15 24.58 -6.77
N PRO A 302 4.67 25.80 -6.96
CA PRO A 302 3.41 26.24 -6.34
C PRO A 302 2.14 25.92 -7.11
N ASP A 303 2.28 25.41 -8.33
CA ASP A 303 1.15 25.12 -9.19
C ASP A 303 1.37 23.78 -9.90
N ARG A 304 0.55 23.45 -10.88
CA ARG A 304 0.64 22.23 -11.66
C ARG A 304 0.59 22.54 -13.13
N PRO A 305 1.74 22.82 -13.73
CA PRO A 305 1.73 23.08 -15.17
C PRO A 305 1.20 21.86 -15.93
N GLY A 306 0.21 22.10 -16.79
CA GLY A 306 -0.40 21.04 -17.63
C GLY A 306 -1.48 20.22 -16.93
N ASP A 307 -1.82 20.57 -15.70
CA ASP A 307 -2.76 19.76 -14.89
C ASP A 307 -3.81 20.68 -14.22
N LEU A 308 -4.61 20.12 -13.34
CA LEU A 308 -5.62 20.95 -12.64
C LEU A 308 -4.95 21.92 -11.69
N PRO A 309 -5.44 23.18 -11.66
CA PRO A 309 -4.80 24.17 -10.81
C PRO A 309 -4.99 23.97 -9.30
N VAL A 310 -4.06 24.52 -8.51
CA VAL A 310 -4.15 24.44 -7.03
C VAL A 310 -5.37 25.24 -6.51
N SER A 311 -5.82 26.24 -7.26
CA SER A 311 -7.01 26.97 -6.86
C SER A 311 -8.25 26.10 -6.87
N GLU A 312 -8.27 25.09 -7.74
CA GLU A 312 -9.38 24.14 -7.81
C GLU A 312 -9.20 22.97 -6.84
N TYR A 313 -7.99 22.41 -6.77
CA TYR A 313 -7.68 21.30 -5.84
C TYR A 313 -6.35 21.61 -5.20
N PRO A 314 -6.31 21.82 -3.86
CA PRO A 314 -5.05 21.94 -3.15
C PRO A 314 -4.14 20.71 -3.31
N PHE A 315 -2.87 20.88 -3.02
CA PHE A 315 -1.93 19.79 -3.09
C PHE A 315 -2.43 18.64 -2.17
N HIS A 316 -2.35 17.43 -2.74
CA HIS A 316 -2.77 16.20 -2.11
C HIS A 316 -4.31 15.98 -2.17
N GLN A 317 -5.01 16.84 -2.91
CA GLN A 317 -6.48 16.75 -3.02
C GLN A 317 -6.99 16.50 -4.46
N LEU A 318 -6.14 16.06 -5.38
CA LEU A 318 -6.62 15.76 -6.74
C LEU A 318 -7.60 14.60 -6.76
N PRO A 319 -8.60 14.70 -7.64
CA PRO A 319 -9.56 13.57 -7.84
C PRO A 319 -9.00 12.48 -8.72
N ASN A 320 -7.95 11.81 -8.21
CA ASN A 320 -7.21 10.85 -9.03
C ASN A 320 -8.02 9.64 -9.38
N ASN A 321 -8.91 9.27 -8.48
CA ASN A 321 -9.92 8.24 -8.72
C ASN A 321 -9.43 6.92 -9.29
N HIS A 322 -8.33 6.41 -8.74
CA HIS A 322 -7.91 5.08 -9.17
C HIS A 322 -8.85 4.00 -8.62
N LEU A 323 -9.00 2.91 -9.36
CA LEU A 323 -9.80 1.79 -8.95
C LEU A 323 -8.85 0.77 -8.31
N VAL A 324 -8.83 0.75 -6.98
CA VAL A 324 -7.90 -0.03 -6.17
C VAL A 324 -8.67 -1.09 -5.41
N ASP A 325 -8.47 -2.36 -5.77
CA ASP A 325 -9.21 -3.50 -5.19
C ASP A 325 -8.42 -4.78 -5.30
N ASN A 326 -8.41 -5.53 -4.20
CA ASN A 326 -7.80 -6.84 -4.13
C ASN A 326 -6.29 -6.79 -4.41
N ILE A 327 -5.61 -5.99 -3.59
CA ILE A 327 -4.15 -5.91 -3.67
C ILE A 327 -3.51 -6.41 -2.38
N LEU A 328 -2.26 -6.88 -2.49
CA LEU A 328 -1.54 -7.49 -1.35
C LEU A 328 -0.11 -6.95 -1.33
N VAL A 329 0.33 -6.52 -0.14
CA VAL A 329 1.72 -6.08 0.03
C VAL A 329 2.32 -6.80 1.24
N MET A 330 3.57 -7.26 1.10
CA MET A 330 4.28 -7.80 2.26
C MET A 330 5.76 -7.42 2.25
N ASN A 331 6.26 -7.14 3.45
CA ASN A 331 7.69 -6.89 3.71
C ASN A 331 8.27 -5.65 3.03
N SER A 332 7.48 -4.60 2.86
CA SER A 332 8.00 -3.31 2.35
C SER A 332 8.90 -2.66 3.39
N LEU A 333 9.96 -2.01 2.93
CA LEU A 333 10.82 -1.25 3.84
C LEU A 333 10.33 0.17 4.05
N GLY A 334 9.63 0.76 3.08
CA GLY A 334 9.06 2.08 3.12
C GLY A 334 7.66 2.09 3.68
N VAL A 335 6.65 2.23 2.82
CA VAL A 335 5.24 2.20 3.21
C VAL A 335 4.53 1.13 2.36
N GLY A 336 3.68 0.28 2.91
CA GLY A 336 3.04 -0.70 2.07
C GLY A 336 2.20 -0.13 0.95
N LEU A 337 1.20 0.70 1.35
CA LEU A 337 0.29 1.40 0.43
C LEU A 337 0.37 2.91 0.71
N GLY A 338 0.78 3.66 -0.31
CA GLY A 338 0.89 5.10 -0.25
C GLY A 338 -0.08 5.72 -1.22
N MET A 339 -0.87 6.68 -0.74
CA MET A 339 -1.73 7.39 -1.68
C MET A 339 -2.04 8.79 -1.20
N ASP A 340 -2.56 9.59 -2.11
CA ASP A 340 -3.10 10.93 -1.79
C ASP A 340 -4.34 11.19 -2.65
N GLY A 341 -5.01 12.32 -2.43
CA GLY A 341 -6.09 12.74 -3.26
C GLY A 341 -7.40 12.84 -2.54
N SER A 342 -8.40 13.34 -3.24
CA SER A 342 -9.77 13.48 -2.73
C SER A 342 -10.73 12.58 -3.46
N GLY A 343 -11.82 12.20 -2.76
CA GLY A 343 -12.83 11.39 -3.36
C GLY A 343 -12.40 9.95 -3.45
N GLY A 344 -13.28 9.13 -3.96
CA GLY A 344 -12.92 7.78 -4.33
C GLY A 344 -13.08 6.70 -3.26
N TYR A 345 -12.76 5.47 -3.70
CA TYR A 345 -12.98 4.22 -2.96
C TYR A 345 -11.74 3.35 -3.01
N VAL A 346 -11.44 2.65 -1.92
CA VAL A 346 -10.34 1.67 -1.87
C VAL A 346 -10.96 0.47 -1.15
N SER A 347 -10.83 -0.75 -1.72
CA SER A 347 -11.42 -1.92 -1.09
C SER A 347 -10.54 -3.15 -1.17
N ASN A 348 -10.67 -3.99 -0.15
CA ASN A 348 -10.09 -5.30 -0.20
C ASN A 348 -8.57 -5.24 -0.35
N VAL A 349 -7.95 -4.59 0.62
CA VAL A 349 -6.51 -4.40 0.65
C VAL A 349 -5.94 -5.22 1.76
N THR A 350 -4.82 -5.91 1.53
CA THR A 350 -4.15 -6.74 2.55
C THR A 350 -2.67 -6.33 2.59
N VAL A 351 -2.26 -5.69 3.69
CA VAL A 351 -0.86 -5.33 3.92
C VAL A 351 -0.44 -6.10 5.18
N GLN A 352 0.60 -6.90 5.08
CA GLN A 352 0.97 -7.74 6.22
C GLN A 352 2.49 -7.86 6.32
N ASP A 353 3.00 -7.69 7.54
CA ASP A 353 4.44 -8.00 7.84
C ASP A 353 5.34 -7.07 7.07
N CYS A 354 5.10 -5.76 7.21
CA CYS A 354 5.92 -4.70 6.57
C CYS A 354 6.88 -4.12 7.58
N ALA A 355 8.14 -3.92 7.15
CA ALA A 355 9.15 -3.35 8.04
C ALA A 355 8.87 -1.91 8.46
N GLY A 356 8.34 -1.08 7.55
CA GLY A 356 7.84 0.23 7.93
C GLY A 356 6.31 0.30 8.01
N ALA A 357 5.77 1.49 7.83
CA ALA A 357 4.33 1.74 7.94
C ALA A 357 3.57 0.86 6.96
N GLY A 358 2.34 0.53 7.30
CA GLY A 358 1.53 -0.25 6.39
C GLY A 358 0.78 0.57 5.37
N MET A 359 0.18 1.69 5.82
CA MET A 359 -0.53 2.58 4.92
C MET A 359 -0.26 4.03 5.31
N LEU A 360 -0.09 4.90 4.30
CA LEU A 360 0.03 6.32 4.53
C LEU A 360 -0.84 6.95 3.47
N ALA A 361 -2.06 7.33 3.87
CA ALA A 361 -3.02 7.90 2.98
C ALA A 361 -3.18 9.36 3.31
N HIS A 362 -2.65 10.21 2.43
CA HIS A 362 -2.82 11.64 2.55
C HIS A 362 -4.02 12.04 1.73
N THR A 363 -5.19 11.61 2.22
CA THR A 363 -6.41 11.59 1.46
C THR A 363 -7.52 12.28 2.21
N TYR A 364 -8.48 12.75 1.42
CA TYR A 364 -9.64 13.53 1.85
C TYR A 364 -10.89 13.00 1.21
N ASN A 365 -11.95 12.82 1.99
CA ASN A 365 -13.24 12.34 1.46
C ASN A 365 -13.15 11.05 0.65
N ARG A 366 -12.33 10.14 1.20
CA ARG A 366 -12.16 8.81 0.59
C ARG A 366 -12.68 7.75 1.53
N VAL A 367 -13.18 6.66 0.93
CA VAL A 367 -13.73 5.50 1.68
C VAL A 367 -12.79 4.32 1.51
N PHE A 368 -12.49 3.65 2.64
CA PHE A 368 -11.65 2.46 2.70
C PHE A 368 -12.51 1.34 3.30
N SER A 369 -12.73 0.21 2.58
CA SER A 369 -13.57 -0.86 3.11
C SER A 369 -12.81 -2.18 3.04
N ASN A 370 -12.92 -2.99 4.08
CA ASN A 370 -12.42 -4.36 4.09
C ASN A 370 -10.90 -4.38 3.92
N ILE A 371 -10.25 -3.76 4.91
CA ILE A 371 -8.79 -3.47 4.94
C ILE A 371 -8.13 -4.36 5.99
N THR A 372 -6.96 -4.89 5.66
CA THR A 372 -6.15 -5.63 6.66
C THR A 372 -4.78 -4.98 6.64
N VAL A 373 -4.30 -4.46 7.77
CA VAL A 373 -2.94 -3.91 7.89
C VAL A 373 -2.39 -4.40 9.20
N ILE A 374 -1.55 -5.44 9.15
CA ILE A 374 -1.17 -6.16 10.35
C ILE A 374 0.34 -6.43 10.37
N ASP A 375 0.92 -6.45 11.58
CA ASP A 375 2.36 -6.76 11.76
C ASP A 375 3.18 -5.80 10.91
N CYS A 376 2.79 -4.53 10.91
CA CYS A 376 3.56 -3.51 10.24
C CYS A 376 4.47 -2.74 11.22
N ASN A 377 5.35 -1.95 10.63
CA ASN A 377 6.43 -1.28 11.39
C ASN A 377 7.27 -2.22 12.25
N TYR A 378 7.57 -3.41 11.72
CA TYR A 378 8.24 -4.41 12.56
C TYR A 378 9.70 -4.00 12.86
N LEU A 379 10.29 -3.08 12.09
CA LEU A 379 11.62 -2.53 12.41
C LEU A 379 11.54 -1.31 13.34
N ASN A 380 10.36 -0.93 13.80
CA ASN A 380 10.25 0.09 14.84
C ASN A 380 10.77 1.46 14.44
N PHE A 381 10.46 1.87 13.23
CA PHE A 381 10.65 3.25 12.80
C PHE A 381 9.80 4.21 13.66
N ASP A 382 10.18 5.49 13.72
CA ASP A 382 9.34 6.46 14.37
C ASP A 382 8.15 6.83 13.46
N SER A 383 7.19 5.91 13.35
CA SER A 383 6.07 6.05 12.43
C SER A 383 4.87 5.32 13.00
N ASP A 384 3.68 5.80 12.64
CA ASP A 384 2.49 5.06 12.94
C ASP A 384 2.30 3.98 11.89
N GLN A 385 1.54 2.93 12.22
CA GLN A 385 1.33 1.82 11.28
C GLN A 385 0.36 2.16 10.18
N ILE A 386 -0.75 2.83 10.55
CA ILE A 386 -1.82 3.14 9.63
C ILE A 386 -2.07 4.65 9.80
N ILE A 387 -1.89 5.44 8.75
CA ILE A 387 -2.00 6.90 8.80
C ILE A 387 -2.99 7.34 7.73
N ILE A 388 -4.01 8.10 8.14
CA ILE A 388 -4.93 8.76 7.23
C ILE A 388 -4.95 10.21 7.67
N ILE A 389 -4.74 11.13 6.72
CA ILE A 389 -4.59 12.56 7.09
C ILE A 389 -5.91 13.30 7.13
N GLY A 390 -6.75 13.13 6.12
CA GLY A 390 -7.99 13.88 5.98
C GLY A 390 -9.26 13.20 6.42
N ASP A 391 -10.40 13.76 5.97
CA ASP A 391 -11.74 13.37 6.44
C ASP A 391 -12.27 12.15 5.69
N CYS A 392 -11.90 10.96 6.19
CA CYS A 392 -12.19 9.71 5.46
C CYS A 392 -13.09 8.79 6.31
N ILE A 393 -13.53 7.69 5.71
CA ILE A 393 -14.37 6.65 6.37
C ILE A 393 -13.62 5.35 6.20
N VAL A 394 -13.48 4.58 7.30
CA VAL A 394 -12.95 3.22 7.21
C VAL A 394 -14.05 2.26 7.69
N ASN A 395 -14.45 1.28 6.85
CA ASN A 395 -15.50 0.32 7.16
C ASN A 395 -14.85 -1.06 7.18
N GLY A 396 -14.45 -1.58 8.33
CA GLY A 396 -13.94 -2.92 8.44
C GLY A 396 -12.44 -2.93 8.24
N ILE A 397 -11.72 -3.05 9.35
CA ILE A 397 -10.25 -3.00 9.32
C ILE A 397 -9.69 -3.92 10.40
N ARG A 398 -8.79 -4.81 9.97
CA ARG A 398 -8.06 -5.68 10.86
C ARG A 398 -6.69 -5.08 11.02
N ALA A 399 -6.33 -4.75 12.27
CA ALA A 399 -5.14 -3.94 12.55
C ALA A 399 -4.18 -4.56 13.57
N ALA A 400 -4.25 -5.84 13.87
CA ALA A 400 -3.26 -6.48 14.76
C ALA A 400 -2.93 -7.89 14.27
N GLY A 401 -1.63 -8.19 14.23
CA GLY A 401 -1.12 -9.48 13.87
C GLY A 401 -0.55 -10.19 15.09
N ILE A 402 0.51 -10.97 14.88
CA ILE A 402 1.08 -11.84 15.92
C ILE A 402 2.38 -11.33 16.53
N LYS A 403 3.02 -10.36 15.90
CA LYS A 403 4.30 -9.85 16.38
C LYS A 403 4.04 -8.92 17.55
N PRO A 404 5.00 -8.85 18.45
CA PRO A 404 4.88 -7.88 19.52
C PRO A 404 4.83 -6.48 18.93
N GLN A 405 4.11 -5.59 19.60
CA GLN A 405 3.98 -4.22 19.07
C GLN A 405 5.29 -3.49 19.10
N PRO A 406 5.57 -2.69 18.07
CA PRO A 406 6.76 -1.84 18.16
C PRO A 406 6.58 -0.78 19.25
N SER A 407 7.68 -0.39 19.88
CA SER A 407 7.61 0.59 20.95
C SER A 407 7.27 1.99 20.42
N ASN A 408 7.67 2.33 19.21
CA ASN A 408 7.36 3.63 18.64
C ASN A 408 6.04 3.64 17.92
N GLY A 409 5.37 4.80 17.98
CA GLY A 409 4.23 5.07 17.11
C GLY A 409 2.91 4.53 17.58
N LEU A 410 1.86 4.97 16.89
CA LEU A 410 0.52 4.47 17.09
C LEU A 410 0.23 3.32 16.10
N VAL A 411 -0.80 2.56 16.39
CA VAL A 411 -1.30 1.59 15.43
C VAL A 411 -2.07 2.36 14.35
N ILE A 412 -3.02 3.21 14.78
CA ILE A 412 -3.82 4.02 13.88
C ILE A 412 -3.71 5.49 14.26
N SER A 413 -3.44 6.33 13.27
CA SER A 413 -3.50 7.78 13.38
C SER A 413 -4.35 8.31 12.22
N ALA A 414 -5.62 8.54 12.55
CA ALA A 414 -6.64 8.99 11.60
C ALA A 414 -7.56 9.99 12.26
N PRO A 415 -6.99 11.12 12.68
CA PRO A 415 -7.69 12.06 13.54
C PRO A 415 -8.92 12.75 12.97
N ASN A 416 -9.09 12.75 11.65
CA ASN A 416 -10.24 13.36 11.03
C ASN A 416 -11.20 12.32 10.40
N SER A 417 -10.98 11.04 10.70
CA SER A 417 -11.74 9.97 10.08
C SER A 417 -12.72 9.32 11.07
N THR A 418 -13.72 8.64 10.52
CA THR A 418 -14.61 7.79 11.28
C THR A 418 -14.32 6.35 10.89
N ILE A 419 -14.17 5.48 11.91
CA ILE A 419 -13.83 4.10 11.71
C ILE A 419 -14.88 3.22 12.38
N SER A 420 -15.34 2.20 11.65
CA SER A 420 -16.19 1.16 12.19
C SER A 420 -15.59 -0.20 11.88
N GLY A 421 -15.90 -1.20 12.71
CA GLY A 421 -15.52 -2.58 12.39
C GLY A 421 -14.04 -2.83 12.57
N LEU A 422 -13.43 -2.20 13.59
CA LEU A 422 -12.00 -2.42 13.89
C LEU A 422 -11.84 -3.72 14.66
N VAL A 423 -11.08 -4.66 14.11
CA VAL A 423 -10.94 -6.01 14.63
C VAL A 423 -9.49 -6.34 14.93
N GLY A 424 -9.28 -7.08 16.04
CA GLY A 424 -7.98 -7.62 16.38
C GLY A 424 -7.58 -7.21 17.79
N ASN A 425 -6.49 -7.79 18.26
CA ASN A 425 -6.00 -7.41 19.58
C ASN A 425 -5.16 -6.15 19.48
N VAL A 426 -5.86 -5.07 19.18
CA VAL A 426 -5.28 -3.77 19.01
C VAL A 426 -5.15 -3.13 20.39
N PRO A 427 -3.95 -2.59 20.75
CA PRO A 427 -3.85 -1.87 22.01
C PRO A 427 -4.74 -0.64 22.05
N PRO A 428 -5.65 -0.56 23.03
CA PRO A 428 -6.63 0.49 23.00
C PRO A 428 -6.06 1.89 23.19
N ASP A 429 -4.85 1.98 23.73
CA ASP A 429 -4.18 3.26 23.90
C ASP A 429 -3.35 3.74 22.68
N LYS A 430 -3.30 2.94 21.61
CA LYS A 430 -2.45 3.28 20.48
C LYS A 430 -3.29 3.59 19.24
N ILE A 431 -4.45 4.21 19.48
CA ILE A 431 -5.37 4.64 18.43
C ILE A 431 -5.69 6.10 18.61
N LEU A 432 -5.64 6.85 17.54
CA LEU A 432 -6.08 8.24 17.50
C LEU A 432 -7.00 8.34 16.30
N VAL A 433 -8.30 8.55 16.54
CA VAL A 433 -9.28 8.66 15.48
C VAL A 433 -10.25 9.78 15.74
N GLY A 434 -10.86 10.29 14.68
CA GLY A 434 -11.97 11.25 14.78
C GLY A 434 -13.13 10.68 15.59
N ASN A 435 -13.61 9.52 15.16
CA ASN A 435 -14.67 8.82 15.87
C ASN A 435 -14.55 7.33 15.56
N LEU A 436 -14.84 6.53 16.55
CA LEU A 436 -14.89 5.06 16.40
C LEU A 436 -16.33 4.68 16.73
N LEU A 437 -17.02 4.00 15.82
CA LEU A 437 -18.49 3.87 15.93
C LEU A 437 -18.93 2.48 15.52
N ASP A 438 -19.76 1.81 16.36
CA ASP A 438 -20.37 0.53 16.00
C ASP A 438 -21.88 0.54 16.40
N PRO A 439 -22.65 1.29 15.65
CA PRO A 439 -24.03 1.69 16.04
C PRO A 439 -25.13 0.68 15.80
N VAL A 440 -24.83 -0.47 15.22
CA VAL A 440 -25.83 -1.42 14.77
C VAL A 440 -25.45 -2.87 15.07
N LEU A 441 -25.04 -3.13 16.33
CA LEU A 441 -24.93 -4.50 16.82
C LEU A 441 -26.33 -5.04 17.04
N GLY A 442 -26.51 -6.36 16.97
CA GLY A 442 -27.82 -6.95 17.26
C GLY A 442 -27.88 -7.44 18.72
N GLN A 443 -28.71 -8.42 18.97
CA GLN A 443 -28.71 -9.09 20.27
C GLN A 443 -27.31 -9.66 20.44
N SER A 444 -26.62 -9.29 21.53
CA SER A 444 -25.20 -9.56 21.62
C SER A 444 -24.86 -10.32 22.92
N ARG A 445 -23.65 -10.86 22.93
CA ARG A 445 -23.20 -11.62 24.09
C ARG A 445 -21.69 -11.54 24.10
N VAL A 446 -21.12 -11.29 25.29
CA VAL A 446 -19.68 -11.35 25.52
C VAL A 446 -19.36 -12.64 26.25
N ILE A 447 -18.40 -13.39 25.72
CA ILE A 447 -18.02 -14.69 26.31
C ILE A 447 -16.56 -14.61 26.73
N GLY A 448 -16.30 -14.91 28.00
CA GLY A 448 -14.97 -15.04 28.52
C GLY A 448 -14.53 -16.50 28.55
N PHE A 449 -13.37 -16.72 27.94
CA PHE A 449 -12.72 -18.01 27.87
C PHE A 449 -11.48 -18.06 28.76
N ASN A 450 -11.28 -19.21 29.39
CA ASN A 450 -10.11 -19.43 30.22
C ASN A 450 -10.00 -18.38 31.31
N SER A 451 -11.14 -18.03 31.86
CA SER A 451 -11.23 -16.86 32.77
C SER A 451 -12.35 -17.07 33.80
N ASP A 452 -12.20 -16.43 34.96
CA ASP A 452 -13.26 -16.41 35.96
C ASP A 452 -14.27 -15.28 35.68
N THR A 453 -14.04 -14.45 34.65
CA THR A 453 -14.86 -13.27 34.41
C THR A 453 -15.16 -13.06 32.92
N ALA A 454 -16.23 -12.31 32.64
CA ALA A 454 -16.56 -11.87 31.30
C ALA A 454 -16.89 -10.38 31.45
N GLU A 455 -16.47 -9.53 30.50
CA GLU A 455 -16.72 -8.09 30.70
C GLU A 455 -16.97 -7.31 29.41
N LEU A 456 -17.68 -6.20 29.59
CA LEU A 456 -17.75 -5.12 28.63
C LEU A 456 -17.22 -3.90 29.36
N ALA A 457 -15.98 -3.57 29.07
CA ALA A 457 -15.32 -2.37 29.63
C ALA A 457 -15.69 -1.13 28.82
N LEU A 458 -15.56 0.03 29.47
CA LEU A 458 -15.79 1.31 28.84
C LEU A 458 -14.51 2.14 29.05
N ARG A 459 -14.14 2.88 28.03
CA ARG A 459 -12.96 3.77 28.10
C ARG A 459 -13.26 5.08 27.39
N ILE A 460 -12.88 6.19 28.03
CA ILE A 460 -13.09 7.51 27.47
C ILE A 460 -11.71 8.05 27.15
N ASN A 461 -11.34 8.10 25.87
CA ASN A 461 -9.96 8.43 25.50
C ASN A 461 -9.48 9.79 26.05
N LYS A 462 -10.38 10.76 26.02
CA LYS A 462 -10.07 12.13 26.52
C LYS A 462 -9.68 12.09 27.98
N LEU A 463 -10.35 11.26 28.76
CA LEU A 463 -10.13 11.18 30.20
C LEU A 463 -8.79 10.50 30.46
N SER A 464 -8.60 9.37 29.79
CA SER A 464 -7.37 8.60 29.91
C SER A 464 -7.26 7.65 28.75
N ALA A 465 -6.12 7.67 28.07
CA ALA A 465 -5.92 6.70 26.96
C ALA A 465 -5.69 5.29 27.43
N THR A 466 -5.19 5.13 28.65
CA THR A 466 -4.69 3.87 29.15
C THR A 466 -5.54 3.19 30.23
N LEU A 467 -6.53 3.87 30.82
CA LEU A 467 -7.30 3.30 31.92
C LEU A 467 -8.77 3.20 31.54
N ASP A 468 -9.37 2.05 31.74
CA ASP A 468 -10.81 1.91 31.56
C ASP A 468 -11.52 2.84 32.56
N SER A 469 -12.58 3.49 32.12
CA SER A 469 -13.34 4.38 32.97
C SER A 469 -14.41 3.67 33.80
N GLY A 470 -14.82 2.51 33.32
CA GLY A 470 -15.81 1.74 34.06
C GLY A 470 -16.03 0.44 33.30
N ALA A 471 -16.90 -0.40 33.88
CA ALA A 471 -17.19 -1.72 33.29
C ALA A 471 -18.51 -2.31 33.78
N LEU A 472 -19.03 -3.21 32.93
CA LEU A 472 -20.05 -4.17 33.28
C LEU A 472 -19.31 -5.51 33.27
N ARG A 473 -19.27 -6.20 34.42
CA ARG A 473 -18.46 -7.41 34.54
C ARG A 473 -19.27 -8.50 35.24
N SER A 474 -19.12 -9.73 34.77
CA SER A 474 -19.68 -10.93 35.41
C SER A 474 -18.52 -11.79 35.96
N HIS A 475 -18.71 -12.37 37.14
CA HIS A 475 -17.67 -13.12 37.85
C HIS A 475 -18.32 -14.43 38.30
N LEU A 476 -17.63 -15.55 38.14
CA LEU A 476 -18.21 -16.76 38.70
C LEU A 476 -18.20 -16.79 40.23
N ASN A 477 -19.25 -17.37 40.82
CA ASN A 477 -19.29 -17.65 42.26
C ASN A 477 -18.68 -19.04 42.53
N GLY A 478 -17.54 -19.05 43.20
CA GLY A 478 -17.00 -20.31 43.73
C GLY A 478 -16.15 -21.08 42.75
N TYR A 479 -16.79 -21.79 41.86
CA TYR A 479 -16.09 -22.84 41.11
C TYR A 479 -16.84 -23.19 39.82
N ALA A 480 -16.12 -23.76 38.87
CA ALA A 480 -16.72 -24.25 37.62
C ALA A 480 -17.88 -25.15 37.93
N GLY A 481 -19.04 -24.89 37.32
CA GLY A 481 -20.22 -25.69 37.53
C GLY A 481 -21.10 -25.37 38.72
N SER A 482 -20.82 -24.26 39.41
CA SER A 482 -21.59 -23.89 40.59
C SER A 482 -23.00 -23.46 40.31
N GLY A 483 -23.26 -23.04 39.06
CA GLY A 483 -24.60 -22.54 38.69
C GLY A 483 -24.91 -21.12 39.17
N SER A 484 -23.88 -20.38 39.52
CA SER A 484 -24.03 -19.04 40.14
C SER A 484 -22.91 -18.09 39.74
N ALA A 485 -23.29 -16.83 39.46
CA ALA A 485 -22.37 -15.74 39.12
C ALA A 485 -22.85 -14.44 39.75
N TRP A 486 -21.97 -13.44 39.74
CA TRP A 486 -22.32 -12.10 40.18
C TRP A 486 -21.97 -11.05 39.14
N THR A 487 -22.81 -10.02 39.07
CA THR A 487 -22.67 -8.95 38.04
C THR A 487 -22.32 -7.65 38.79
N GLU A 488 -21.43 -6.87 38.22
CA GLU A 488 -21.11 -5.57 38.80
C GLU A 488 -21.06 -4.49 37.74
N LEU A 489 -21.36 -3.27 38.19
CA LEU A 489 -21.24 -2.04 37.44
C LEU A 489 -20.20 -1.23 38.22
N THR A 490 -19.09 -0.90 37.54
CA THR A 490 -17.95 -0.21 38.19
C THR A 490 -17.61 1.11 37.54
N ALA A 491 -16.84 1.90 38.31
CA ALA A 491 -16.38 3.23 37.88
C ALA A 491 -14.94 3.44 38.40
N LEU A 492 -14.15 4.13 37.58
CA LEU A 492 -12.79 4.58 37.92
C LEU A 492 -12.76 5.70 38.97
N SER A 493 -11.86 5.56 39.93
CA SER A 493 -11.61 6.64 40.91
C SER A 493 -10.12 6.56 41.31
N GLY A 494 -9.55 7.72 41.59
CA GLY A 494 -8.12 7.81 41.93
C GLY A 494 -7.21 7.08 40.95
N SER A 495 -7.57 7.11 39.68
CA SER A 495 -6.83 6.37 38.63
C SER A 495 -6.72 4.86 38.84
N THR A 496 -7.64 4.31 39.63
CA THR A 496 -7.69 2.87 39.88
C THR A 496 -8.93 2.25 39.20
N PRO A 497 -8.73 1.42 38.17
CA PRO A 497 -9.89 0.84 37.52
C PRO A 497 -10.76 0.00 38.48
N ASN A 498 -12.07 0.05 38.27
CA ASN A 498 -13.07 -0.67 39.04
C ASN A 498 -13.08 -0.29 40.52
N ALA A 499 -12.68 0.94 40.83
CA ALA A 499 -12.56 1.37 42.23
C ALA A 499 -13.89 1.41 43.02
N VAL A 500 -14.97 1.79 42.36
CA VAL A 500 -16.28 1.98 42.99
C VAL A 500 -17.20 1.01 42.26
N SER A 501 -17.86 0.10 43.00
CA SER A 501 -18.50 -1.07 42.39
C SER A 501 -19.84 -1.41 43.05
N LEU A 502 -20.92 -1.42 42.26
CA LEU A 502 -22.24 -1.94 42.65
C LEU A 502 -22.36 -3.40 42.18
N LYS A 503 -22.68 -4.30 43.12
CA LYS A 503 -22.60 -5.76 42.86
C LYS A 503 -23.91 -6.47 43.16
N VAL A 504 -24.30 -7.36 42.26
CA VAL A 504 -25.53 -8.13 42.37
C VAL A 504 -25.15 -9.64 42.42
N ASN A 505 -25.58 -10.29 43.51
CA ASN A 505 -25.48 -11.74 43.77
C ASN A 505 -24.06 -12.24 44.12
N ARG A 506 -23.17 -11.36 44.58
CA ARG A 506 -21.85 -11.84 45.02
C ARG A 506 -22.06 -12.80 46.21
N GLY A 507 -21.35 -13.91 46.17
CA GLY A 507 -21.43 -14.97 47.20
C GLY A 507 -22.71 -15.81 47.10
N ASP A 508 -23.49 -15.58 46.06
CA ASP A 508 -24.81 -16.18 45.87
C ASP A 508 -25.78 -15.85 47.01
N TYR A 509 -25.59 -14.67 47.63
CA TYR A 509 -26.49 -14.21 48.67
C TYR A 509 -27.77 -13.54 48.11
N LYS A 510 -27.84 -13.32 46.78
CA LYS A 510 -29.04 -12.76 46.13
C LYS A 510 -29.37 -11.34 46.58
N THR A 511 -28.35 -10.61 46.96
CA THR A 511 -28.47 -9.21 47.38
C THR A 511 -27.65 -8.26 46.49
N THR A 512 -27.76 -6.97 46.78
CA THR A 512 -27.10 -5.91 46.06
C THR A 512 -26.19 -5.20 47.06
N GLU A 513 -24.90 -5.09 46.71
CA GLU A 513 -23.99 -4.33 47.49
C GLU A 513 -23.85 -2.97 46.83
N ILE A 514 -24.23 -1.94 47.58
CA ILE A 514 -24.43 -0.57 47.06
C ILE A 514 -23.34 0.37 47.65
N PRO A 515 -22.52 1.03 46.80
CA PRO A 515 -21.57 2.02 47.30
C PRO A 515 -22.29 3.16 47.99
N ILE A 516 -21.79 3.58 49.16
CA ILE A 516 -22.28 4.75 49.86
C ILE A 516 -21.11 5.62 50.23
N SER A 517 -21.37 6.91 50.51
CA SER A 517 -20.30 7.81 50.89
C SER A 517 -19.95 7.62 52.36
N GLY A 518 -18.66 7.48 52.65
CA GLY A 518 -18.27 7.33 54.04
C GLY A 518 -18.21 8.65 54.79
N THR A 519 -18.36 9.74 54.04
CA THR A 519 -18.37 11.10 54.58
C THR A 519 -19.70 11.82 54.27
N VAL A 520 -19.98 12.90 55.01
CA VAL A 520 -21.22 13.64 54.81
C VAL A 520 -21.25 14.27 53.40
N LEU A 521 -22.29 13.98 52.63
CA LEU A 521 -22.39 14.47 51.27
C LEU A 521 -22.82 15.90 51.23
N PRO A 522 -22.18 16.72 50.38
CA PRO A 522 -22.72 18.02 50.09
C PRO A 522 -24.02 17.93 49.25
N ASP A 523 -24.81 19.02 49.21
CA ASP A 523 -26.03 19.05 48.41
C ASP A 523 -25.85 18.61 46.95
N GLU A 524 -24.70 18.94 46.36
CA GLU A 524 -24.39 18.57 44.96
C GLU A 524 -24.28 17.04 44.77
N GLY A 525 -24.18 16.28 45.87
CA GLY A 525 -24.20 14.83 45.78
C GLY A 525 -25.46 14.16 45.27
N VAL A 526 -26.54 14.91 45.05
CA VAL A 526 -27.68 14.39 44.34
C VAL A 526 -28.09 15.38 43.23
N LEU A 527 -28.38 14.85 42.06
CA LEU A 527 -28.64 15.66 40.85
C LEU A 527 -30.12 15.72 40.43
N ASP A 528 -30.69 14.58 40.04
CA ASP A 528 -32.00 14.52 39.46
C ASP A 528 -33.09 14.49 40.51
N ILE A 529 -34.23 15.07 40.16
CA ILE A 529 -35.45 14.94 40.96
C ILE A 529 -35.85 13.47 41.14
N ASN A 530 -36.29 13.14 42.34
CA ASN A 530 -36.73 11.79 42.71
C ASN A 530 -35.59 10.78 42.59
N THR A 531 -34.45 11.21 43.08
CA THR A 531 -33.33 10.33 43.29
C THR A 531 -32.75 10.50 44.69
N MET A 532 -32.06 9.47 45.15
CA MET A 532 -31.53 9.36 46.54
C MET A 532 -30.09 8.90 46.52
N SER A 533 -29.22 9.57 47.29
CA SER A 533 -27.84 9.10 47.52
C SER A 533 -27.64 8.82 49.01
N LEU A 534 -26.90 7.79 49.33
CA LEU A 534 -26.71 7.38 50.71
C LEU A 534 -25.33 7.74 51.23
N TYR A 535 -25.28 8.04 52.52
CA TYR A 535 -24.02 8.41 53.15
C TYR A 535 -24.08 8.13 54.66
N LEU A 536 -22.91 8.12 55.26
CA LEU A 536 -22.73 7.95 56.71
C LEU A 536 -22.43 9.29 57.38
N ASP A 537 -23.07 9.49 58.53
CA ASP A 537 -22.84 10.74 59.31
C ASP A 537 -22.92 10.34 60.77
N ALA A 538 -21.83 10.53 61.48
CA ALA A 538 -21.77 10.19 62.91
C ALA A 538 -22.23 8.78 63.19
N GLY A 539 -21.82 7.86 62.33
CA GLY A 539 -22.10 6.44 62.47
C GLY A 539 -23.50 5.97 62.06
N ALA A 540 -24.33 6.88 61.53
CA ALA A 540 -25.70 6.58 61.09
C ALA A 540 -25.77 6.60 59.57
N LEU A 541 -26.74 5.83 59.03
CA LEU A 541 -27.06 5.90 57.60
C LEU A 541 -28.09 6.98 57.35
N TRP A 542 -27.75 7.88 56.42
CA TRP A 542 -28.60 8.97 55.96
C TRP A 542 -28.82 8.90 54.45
N ALA A 543 -29.93 9.47 54.01
CA ALA A 543 -30.26 9.66 52.60
C ALA A 543 -30.29 11.15 52.29
N LEU A 544 -29.64 11.52 51.20
CA LEU A 544 -29.77 12.81 50.56
C LEU A 544 -30.69 12.65 49.34
N ILE A 545 -31.83 13.35 49.37
CA ILE A 545 -32.89 13.12 48.40
C ILE A 545 -33.25 14.45 47.73
N ARG A 546 -33.39 14.43 46.42
CA ARG A 546 -33.97 15.56 45.71
C ARG A 546 -35.46 15.26 45.50
N LEU A 547 -36.31 16.07 46.10
CA LEU A 547 -37.77 15.89 46.13
C LEU A 547 -38.44 16.33 44.86
N PRO A 548 -39.74 15.96 44.69
CA PRO A 548 -40.49 16.36 43.52
C PRO A 548 -40.51 17.87 43.22
N ASP A 549 -40.47 18.70 44.26
CA ASP A 549 -40.41 20.17 44.02
C ASP A 549 -39.02 20.74 43.70
N GLY A 550 -38.03 19.86 43.62
CA GLY A 550 -36.65 20.21 43.22
C GLY A 550 -35.73 20.58 44.37
N SER A 551 -36.29 20.72 45.56
CA SER A 551 -35.47 21.03 46.73
C SER A 551 -34.82 19.75 47.25
N LYS A 552 -33.82 19.87 48.09
CA LYS A 552 -33.09 18.73 48.63
C LYS A 552 -33.32 18.62 50.12
N THR A 553 -33.37 17.39 50.60
CA THR A 553 -33.55 17.13 51.98
C THR A 553 -32.70 15.95 52.42
N ARG A 554 -32.46 15.84 53.73
CA ARG A 554 -31.67 14.80 54.34
C ARG A 554 -32.54 14.04 55.36
N MET A 555 -32.56 12.74 55.23
CA MET A 555 -33.34 11.84 56.07
C MET A 555 -32.47 10.78 56.72
N LYS A 556 -32.57 10.67 58.04
CA LYS A 556 -31.89 9.63 58.78
C LYS A 556 -32.64 8.33 58.72
N LEU A 557 -31.94 7.26 58.30
CA LEU A 557 -32.58 5.94 58.04
C LEU A 557 -32.32 4.92 59.13
N SER A 558 -31.19 5.04 59.82
CA SER A 558 -30.92 4.13 60.93
C SER A 558 -31.36 4.75 62.23
N VAL A 559 -31.35 3.94 63.29
CA VAL A 559 -31.88 4.36 64.58
C VAL A 559 -30.68 4.65 65.46
#